data_5H5F
#
_entry.id   5H5F
#
_cell.length_a   38.712
_cell.length_b   62.417
_cell.length_c   44.695
_cell.angle_alpha   90.00
_cell.angle_beta   112.31
_cell.angle_gamma   90.00
#
_symmetry.space_group_name_H-M   'P 1 21 1'
#
loop_
_entity.id
_entity.type
_entity.pdbx_description
1 polymer 'Protein arginine N-methyltransferase SFM1'
2 non-polymer S-ADENOSYLMETHIONINE
3 water water
#
_entity_poly.entity_id   1
_entity_poly.type   'polypeptide(L)'
_entity_poly.pdbx_seq_one_letter_code
;MGSSHHHHHHLEVLFQGPHMASKYIIEHMEEGFSEWVILEYSQILREVGAENLILSSLPESTTEKDIPQRLLKLGLRWTT
KDLKGINEDFKDLELLKDGRVCLLDPRATIDLQPEDATKFDYFVFGGILGDHPPRDRTKELKTAYPNLLISRRLGDKQMT
TDTAIRTTQLIIKDRIAFEDIKFIDYPEFRFNKNEATEMPFRYVLDKEGKPILPEGMLDLIKKDSAQSLDDLLM
;
_entity_poly.pdbx_strand_id   A
#
# COMPACT_ATOMS: atom_id res chain seq x y z
N SER A 4 31.36 22.20 -7.90
CA SER A 4 30.08 22.15 -7.22
C SER A 4 29.18 21.08 -7.83
N HIS A 5 29.62 19.83 -7.70
CA HIS A 5 28.89 18.66 -8.16
C HIS A 5 28.45 17.78 -7.01
N HIS A 6 28.71 18.19 -5.76
CA HIS A 6 28.64 17.24 -4.66
C HIS A 6 27.21 16.85 -4.27
N HIS A 7 26.20 17.58 -4.74
CA HIS A 7 24.83 17.24 -4.43
C HIS A 7 24.24 16.18 -5.36
N HIS A 8 25.00 15.75 -6.38
CA HIS A 8 24.53 14.76 -7.35
C HIS A 8 24.95 13.38 -6.85
N HIS A 9 24.17 12.85 -5.90
CA HIS A 9 24.56 11.65 -5.16
C HIS A 9 23.33 10.80 -4.90
N HIS A 10 23.54 9.62 -4.34
CA HIS A 10 22.41 8.83 -3.84
C HIS A 10 22.66 8.39 -2.41
N LEU A 11 22.99 9.36 -1.55
CA LEU A 11 23.30 9.04 -0.16
C LEU A 11 22.15 8.32 0.54
N GLU A 12 20.91 8.74 0.33
CA GLU A 12 19.82 8.06 1.04
C GLU A 12 19.81 6.56 0.75
N VAL A 13 20.11 6.19 -0.49
CA VAL A 13 20.22 4.81 -0.89
C VAL A 13 21.41 4.14 -0.23
N LEU A 14 22.57 4.79 -0.32
CA LEU A 14 23.76 4.23 0.32
C LEU A 14 23.50 3.95 1.79
N PHE A 15 22.83 4.89 2.47
CA PHE A 15 22.54 4.82 3.90
C PHE A 15 21.60 3.68 4.25
N GLN A 16 20.71 3.29 3.33
CA GLN A 16 19.75 2.23 3.66
C GLN A 16 20.24 0.82 3.34
N GLY A 17 21.29 0.67 2.53
CA GLY A 17 21.70 -0.66 2.12
C GLY A 17 22.66 -1.34 3.05
N PRO A 18 22.93 -2.61 2.87
CA PRO A 18 22.43 -3.44 1.77
C PRO A 18 21.03 -3.96 2.02
N HIS A 19 20.26 -4.18 0.91
CA HIS A 19 18.85 -4.52 1.00
C HIS A 19 18.68 -5.96 1.45
N MET A 20 17.65 -6.12 2.32
CA MET A 20 17.42 -7.46 2.78
C MET A 20 15.98 -7.60 3.20
N ALA A 21 15.39 -6.48 3.48
CA ALA A 21 14.07 -6.47 4.11
C ALA A 21 12.95 -6.51 3.09
N SER A 22 11.86 -7.17 3.45
CA SER A 22 10.62 -7.13 2.67
C SER A 22 10.31 -5.71 2.21
N LYS A 23 9.93 -5.58 0.94
CA LYS A 23 9.48 -4.31 0.39
C LYS A 23 8.03 -4.40 -0.02
N TYR A 24 7.41 -3.22 -0.08
CA TYR A 24 6.01 -3.04 -0.44
C TYR A 24 5.96 -2.18 -1.68
N ILE A 25 5.22 -2.63 -2.68
CA ILE A 25 5.09 -1.91 -3.94
C ILE A 25 3.63 -1.63 -4.15
N ILE A 26 3.30 -0.38 -4.46
CA ILE A 26 1.95 0.01 -4.83
C ILE A 26 1.98 0.32 -6.31
N GLU A 27 1.20 -0.40 -7.11
CA GLU A 27 1.02 -0.05 -8.52
C GLU A 27 -0.05 1.04 -8.59
N HIS A 28 0.32 2.25 -8.97
CA HIS A 28 -0.64 3.36 -8.88
C HIS A 28 -1.68 3.19 -9.97
N MET A 29 -2.96 3.12 -9.58
CA MET A 29 -4.03 2.81 -10.53
C MET A 29 -5.17 3.82 -10.41
N GLU A 30 -4.85 5.01 -9.92
CA GLU A 30 -5.75 6.15 -9.98
C GLU A 30 -5.13 7.23 -10.86
N GLU A 31 -5.98 8.10 -11.39
CA GLU A 31 -5.52 9.26 -12.15
C GLU A 31 -5.12 10.36 -11.17
N GLY A 32 -3.84 10.69 -11.13
CA GLY A 32 -3.46 11.76 -10.22
C GLY A 32 -3.50 11.33 -8.77
N PHE A 33 -3.53 12.35 -7.89
CA PHE A 33 -3.44 12.16 -6.43
C PHE A 33 -4.50 13.02 -5.74
N SER A 34 -5.66 12.44 -5.43
CA SER A 34 -6.64 13.19 -4.64
C SER A 34 -6.16 13.35 -3.20
N GLU A 35 -6.84 14.21 -2.44
CA GLU A 35 -6.50 14.35 -1.02
C GLU A 35 -6.54 12.99 -0.30
N TRP A 36 -7.55 12.18 -0.61
CA TRP A 36 -7.68 10.87 0.02
C TRP A 36 -6.43 10.02 -0.22
N VAL A 37 -6.00 9.94 -1.48
CA VAL A 37 -4.82 9.18 -1.84
C VAL A 37 -3.59 9.72 -1.12
N ILE A 38 -3.44 11.05 -1.08
CA ILE A 38 -2.28 11.63 -0.42
C ILE A 38 -2.26 11.24 1.07
N LEU A 39 -3.40 11.31 1.74
CA LEU A 39 -3.42 10.95 3.16
C LEU A 39 -3.09 9.46 3.35
N GLU A 40 -3.66 8.62 2.47
CA GLU A 40 -3.38 7.19 2.53
C GLU A 40 -1.91 6.90 2.34
N TYR A 41 -1.34 7.40 1.23
CA TYR A 41 0.06 7.12 0.94
C TYR A 41 0.98 7.71 2.01
N SER A 42 0.62 8.87 2.58
CA SER A 42 1.40 9.44 3.67
C SER A 42 1.44 8.48 4.84
N GLN A 43 0.27 7.95 5.21
CA GLN A 43 0.22 7.01 6.33
C GLN A 43 1.06 5.76 6.04
N ILE A 44 0.97 5.23 4.82
CA ILE A 44 1.75 4.06 4.44
C ILE A 44 3.25 4.33 4.57
N LEU A 45 3.70 5.46 4.05
CA LEU A 45 5.11 5.84 4.18
C LEU A 45 5.53 5.88 5.63
N ARG A 46 4.69 6.45 6.49
CA ARG A 46 5.07 6.53 7.89
C ARG A 46 5.13 5.16 8.54
N GLU A 47 4.27 4.23 8.11
CA GLU A 47 4.18 2.93 8.77
C GLU A 47 5.22 1.94 8.26
N VAL A 48 5.49 1.89 6.96
CA VAL A 48 6.47 0.92 6.48
C VAL A 48 7.88 1.49 6.34
N GLY A 49 8.02 2.82 6.37
CA GLY A 49 9.31 3.46 6.13
C GLY A 49 9.53 3.76 4.66
N ALA A 50 9.97 4.98 4.36
CA ALA A 50 10.17 5.38 2.98
C ALA A 50 11.13 4.47 2.23
N GLU A 51 12.10 3.89 2.93
CA GLU A 51 13.03 3.00 2.26
C GLU A 51 12.39 1.68 1.86
N ASN A 52 11.18 1.39 2.33
CA ASN A 52 10.58 0.09 2.08
C ASN A 52 9.36 0.15 1.16
N LEU A 53 9.11 1.30 0.54
CA LEU A 53 7.93 1.46 -0.32
C LEU A 53 8.36 1.93 -1.70
N ILE A 54 7.76 1.37 -2.74
CA ILE A 54 7.90 1.89 -4.10
C ILE A 54 6.52 2.15 -4.65
N LEU A 55 6.31 3.32 -5.25
CA LEU A 55 5.10 3.62 -6.03
C LEU A 55 5.44 3.50 -7.51
N SER A 56 4.88 2.49 -8.18
CA SER A 56 5.26 2.17 -9.57
C SER A 56 4.13 2.41 -10.57
N SER A 57 4.50 2.31 -11.85
CA SER A 57 3.57 2.38 -13.01
C SER A 57 2.88 3.74 -13.15
N LEU A 58 3.51 4.80 -12.66
CA LEU A 58 3.00 6.13 -12.94
C LEU A 58 3.06 6.40 -14.44
N PRO A 59 2.18 7.26 -14.95
CA PRO A 59 2.21 7.58 -16.39
C PRO A 59 3.59 8.03 -16.84
N GLU A 60 3.94 7.72 -18.09
CA GLU A 60 5.29 7.98 -18.55
C GLU A 60 5.64 9.47 -18.50
N SER A 61 4.64 10.33 -18.64
CA SER A 61 4.87 11.78 -18.63
C SER A 61 5.05 12.35 -17.23
N THR A 62 4.94 11.53 -16.20
CA THR A 62 5.07 12.03 -14.83
C THR A 62 6.47 12.58 -14.56
N THR A 63 6.53 13.77 -13.97
CA THR A 63 7.76 14.37 -13.48
C THR A 63 7.59 14.68 -12.01
N GLU A 64 8.66 15.17 -11.37
CA GLU A 64 8.59 15.37 -9.92
C GLU A 64 7.50 16.36 -9.50
N LYS A 65 7.22 17.38 -10.33
CA LYS A 65 6.20 18.36 -9.95
C LYS A 65 4.81 17.76 -9.89
N ASP A 66 4.61 16.59 -10.50
CA ASP A 66 3.34 15.90 -10.47
C ASP A 66 3.16 15.04 -9.23
N ILE A 67 4.19 14.87 -8.43
CA ILE A 67 4.12 14.09 -7.19
C ILE A 67 3.81 15.04 -6.04
N PRO A 68 2.79 14.77 -5.24
CA PRO A 68 2.46 15.69 -4.12
C PRO A 68 3.67 15.95 -3.22
N GLN A 69 3.87 17.23 -2.90
CA GLN A 69 5.01 17.59 -2.06
C GLN A 69 4.96 16.91 -0.70
N ARG A 70 3.75 16.66 -0.17
CA ARG A 70 3.69 15.96 1.11
C ARG A 70 4.32 14.57 1.00
N LEU A 71 4.17 13.91 -0.15
CA LEU A 71 4.73 12.57 -0.30
C LEU A 71 6.22 12.63 -0.58
N LEU A 72 6.65 13.61 -1.39
CA LEU A 72 8.09 13.78 -1.60
C LEU A 72 8.80 14.07 -0.28
N LYS A 73 8.18 14.88 0.58
CA LYS A 73 8.80 15.25 1.86
C LYS A 73 8.98 14.03 2.76
N LEU A 74 8.04 13.09 2.71
CA LEU A 74 8.11 11.85 3.47
C LEU A 74 9.00 10.79 2.84
N GLY A 75 9.62 11.09 1.70
CA GLY A 75 10.62 10.25 1.09
C GLY A 75 10.13 9.27 0.04
N LEU A 76 8.96 9.52 -0.55
CA LEU A 76 8.39 8.60 -1.52
C LEU A 76 9.34 8.32 -2.67
N ARG A 77 9.66 7.05 -2.87
CA ARG A 77 10.34 6.59 -4.07
C ARG A 77 9.29 6.18 -5.11
N TRP A 78 9.29 6.88 -6.25
CA TRP A 78 8.27 6.71 -7.28
C TRP A 78 8.93 6.47 -8.63
N THR A 79 8.18 5.81 -9.53
CA THR A 79 8.74 5.51 -10.84
C THR A 79 7.63 5.33 -11.87
N THR A 80 7.94 5.67 -13.12
CA THR A 80 7.05 5.40 -14.25
C THR A 80 7.26 3.99 -14.82
N LYS A 81 8.27 3.28 -14.34
CA LYS A 81 8.50 1.89 -14.73
C LYS A 81 7.45 0.99 -14.12
N ASP A 82 7.16 -0.12 -14.80
CA ASP A 82 6.26 -1.13 -14.26
C ASP A 82 7.05 -2.05 -13.34
N LEU A 83 6.38 -3.09 -12.83
CA LEU A 83 7.05 -3.96 -11.85
C LEU A 83 8.40 -4.46 -12.37
N LYS A 84 8.43 -4.95 -13.63
CA LYS A 84 9.65 -5.53 -14.15
C LYS A 84 10.69 -4.50 -14.57
N GLY A 85 10.35 -3.22 -14.54
CA GLY A 85 11.32 -2.18 -14.73
C GLY A 85 11.81 -1.52 -13.45
N ILE A 86 11.24 -1.89 -12.29
CA ILE A 86 11.66 -1.23 -11.05
C ILE A 86 13.16 -1.37 -10.84
N ASN A 87 13.70 -2.57 -11.10
CA ASN A 87 15.13 -2.79 -10.89
C ASN A 87 15.98 -1.92 -11.80
N GLU A 88 15.42 -1.51 -12.94
CA GLU A 88 16.16 -0.62 -13.85
C GLU A 88 16.30 0.78 -13.26
N ASP A 89 15.28 1.26 -12.55
CA ASP A 89 15.38 2.59 -11.98
C ASP A 89 16.13 2.58 -10.65
N PHE A 90 15.87 1.58 -9.82
CA PHE A 90 16.41 1.52 -8.46
C PHE A 90 17.39 0.35 -8.42
N LYS A 91 18.63 0.62 -8.83
CA LYS A 91 19.65 -0.43 -8.92
C LYS A 91 20.01 -1.01 -7.56
N ASP A 92 19.60 -0.34 -6.48
CA ASP A 92 19.88 -0.81 -5.13
C ASP A 92 18.94 -1.91 -4.64
N LEU A 93 17.78 -2.06 -5.26
CA LEU A 93 16.82 -3.05 -4.79
C LEU A 93 17.23 -4.47 -5.18
N GLU A 94 16.87 -5.43 -4.33
CA GLU A 94 17.00 -6.82 -4.71
C GLU A 94 16.19 -7.08 -5.97
N LEU A 95 16.67 -8.02 -6.79
CA LEU A 95 15.96 -8.43 -7.98
C LEU A 95 14.56 -8.92 -7.64
N LEU A 96 13.58 -8.45 -8.40
CA LEU A 96 12.20 -8.99 -8.35
C LEU A 96 12.22 -10.30 -9.13
N LYS A 97 12.21 -11.43 -8.42
CA LYS A 97 12.33 -12.75 -9.02
C LYS A 97 10.95 -13.37 -9.23
N ASP A 98 10.73 -13.98 -10.40
CA ASP A 98 9.49 -14.74 -10.65
C ASP A 98 9.17 -15.64 -9.46
N GLY A 99 7.95 -15.54 -8.96
CA GLY A 99 7.52 -16.35 -7.84
C GLY A 99 7.87 -15.78 -6.47
N ARG A 100 8.78 -14.84 -6.39
CA ARG A 100 9.13 -14.23 -5.11
C ARG A 100 8.44 -12.89 -4.91
N VAL A 101 7.51 -12.53 -5.78
CA VAL A 101 6.73 -11.31 -5.67
C VAL A 101 5.29 -11.74 -5.43
N CYS A 102 4.74 -11.31 -4.30
CA CYS A 102 3.40 -11.70 -3.89
C CYS A 102 2.43 -10.60 -4.28
N LEU A 103 1.35 -10.95 -4.99
CA LEU A 103 0.25 -10.03 -5.23
C LEU A 103 -0.80 -10.21 -4.14
N LEU A 104 -1.08 -9.13 -3.39
CA LEU A 104 -2.17 -9.21 -2.42
C LEU A 104 -3.44 -9.08 -3.23
N ASP A 105 -4.25 -10.14 -3.24
CA ASP A 105 -5.29 -10.37 -4.24
C ASP A 105 -6.56 -10.78 -3.49
N PRO A 106 -7.61 -9.95 -3.51
CA PRO A 106 -8.81 -10.31 -2.73
C PRO A 106 -9.46 -11.59 -3.20
N ARG A 107 -9.15 -12.06 -4.41
CA ARG A 107 -9.80 -13.24 -4.97
C ARG A 107 -8.92 -14.48 -4.88
N ALA A 108 -7.76 -14.39 -4.22
CA ALA A 108 -6.90 -15.54 -4.15
C ALA A 108 -7.53 -16.63 -3.29
N THR A 109 -7.14 -17.89 -3.55
CA THR A 109 -7.72 -19.01 -2.83
C THR A 109 -6.99 -19.33 -1.53
N ILE A 110 -5.84 -18.71 -1.28
CA ILE A 110 -5.04 -19.02 -0.09
C ILE A 110 -4.69 -17.70 0.58
N ASP A 111 -4.89 -17.66 1.90
CA ASP A 111 -4.58 -16.48 2.69
C ASP A 111 -3.10 -16.42 3.00
N LEU A 112 -2.57 -15.20 3.02
CA LEU A 112 -1.21 -14.96 3.50
C LEU A 112 -1.04 -15.42 4.95
N GLN A 113 0.12 -16.02 5.25
CA GLN A 113 0.44 -16.52 6.58
C GLN A 113 1.84 -16.07 6.97
N PRO A 114 2.16 -16.07 8.27
CA PRO A 114 3.51 -15.62 8.66
C PRO A 114 4.63 -16.37 7.97
N GLU A 115 4.46 -17.67 7.70
CA GLU A 115 5.57 -18.40 7.07
C GLU A 115 5.85 -17.91 5.65
N ASP A 116 4.91 -17.20 5.03
CA ASP A 116 5.19 -16.58 3.73
C ASP A 116 6.29 -15.52 3.81
N ALA A 117 6.70 -15.10 5.01
CA ALA A 117 7.81 -14.16 5.07
C ALA A 117 9.06 -14.76 4.43
N THR A 118 9.20 -16.08 4.51
CA THR A 118 10.34 -16.78 3.92
C THR A 118 10.25 -16.90 2.41
N LYS A 119 9.05 -16.69 1.84
CA LYS A 119 8.76 -17.11 0.49
C LYS A 119 8.66 -15.97 -0.50
N PHE A 120 8.59 -14.72 -0.04
CA PHE A 120 8.49 -13.57 -0.93
C PHE A 120 9.40 -12.46 -0.43
N ASP A 121 9.93 -11.71 -1.39
CA ASP A 121 10.73 -10.54 -1.08
C ASP A 121 9.99 -9.24 -1.30
N TYR A 122 8.90 -9.28 -2.08
CA TYR A 122 8.16 -8.10 -2.44
C TYR A 122 6.69 -8.40 -2.28
N PHE A 123 5.93 -7.41 -1.85
CA PHE A 123 4.49 -7.53 -1.68
C PHE A 123 3.87 -6.39 -2.46
N VAL A 124 3.00 -6.72 -3.41
CA VAL A 124 2.41 -5.77 -4.37
C VAL A 124 0.93 -5.54 -4.10
N PHE A 125 0.53 -4.26 -4.14
CA PHE A 125 -0.83 -3.83 -3.87
C PHE A 125 -1.32 -2.96 -5.02
N GLY A 126 -2.61 -3.07 -5.33
CA GLY A 126 -3.21 -2.13 -6.25
C GLY A 126 -3.47 -0.80 -5.55
N GLY A 127 -2.92 0.27 -6.12
CA GLY A 127 -3.23 1.62 -5.68
C GLY A 127 -4.59 2.02 -6.23
N ILE A 128 -5.62 1.45 -5.62
CA ILE A 128 -7.00 1.54 -6.10
C ILE A 128 -7.85 2.04 -4.95
N LEU A 129 -8.74 3.00 -5.21
CA LEU A 129 -9.73 3.37 -4.22
C LEU A 129 -10.93 2.48 -4.49
N GLY A 130 -11.17 1.53 -3.58
CA GLY A 130 -12.10 0.48 -3.88
C GLY A 130 -13.55 0.94 -3.87
N ASP A 131 -14.37 0.19 -4.59
CA ASP A 131 -15.81 0.41 -4.64
C ASP A 131 -16.48 -0.65 -3.80
N HIS A 132 -17.74 -0.43 -3.46
CA HIS A 132 -18.53 -1.53 -2.94
C HIS A 132 -19.82 -1.68 -3.73
N PRO A 133 -20.05 -2.85 -4.32
CA PRO A 133 -19.19 -4.04 -4.27
C PRO A 133 -17.88 -3.84 -5.05
N PRO A 134 -16.85 -4.59 -4.68
CA PRO A 134 -15.56 -4.43 -5.35
C PRO A 134 -15.68 -4.66 -6.85
N ARG A 135 -14.90 -3.90 -7.61
CA ARG A 135 -14.87 -4.01 -9.07
C ARG A 135 -13.80 -4.96 -9.58
N ASP A 136 -13.05 -5.61 -8.68
CA ASP A 136 -12.08 -6.63 -9.07
C ASP A 136 -10.96 -6.03 -9.91
N ARG A 137 -10.61 -4.76 -9.69
CA ARG A 137 -9.55 -4.16 -10.48
C ARG A 137 -8.17 -4.75 -10.18
N THR A 138 -7.98 -5.41 -9.03
CA THR A 138 -6.69 -6.04 -8.78
C THR A 138 -6.37 -7.07 -9.84
N LYS A 139 -7.40 -7.67 -10.44
CA LYS A 139 -7.13 -8.69 -11.45
C LYS A 139 -6.32 -8.14 -12.62
N GLU A 140 -6.36 -6.82 -12.87
CA GLU A 140 -5.53 -6.25 -13.94
C GLU A 140 -4.04 -6.50 -13.70
N LEU A 141 -3.62 -6.55 -12.43
CA LEU A 141 -2.22 -6.83 -12.14
C LEU A 141 -1.88 -8.28 -12.42
N LYS A 142 -2.82 -9.18 -12.11
CA LYS A 142 -2.52 -10.60 -12.32
C LYS A 142 -2.34 -10.88 -13.80
N THR A 143 -3.16 -10.26 -14.65
CA THR A 143 -3.01 -10.44 -16.08
C THR A 143 -1.80 -9.69 -16.63
N ALA A 144 -1.36 -8.60 -15.98
CA ALA A 144 -0.23 -7.84 -16.52
C ALA A 144 1.09 -8.57 -16.32
N TYR A 145 1.19 -9.38 -15.26
CA TYR A 145 2.45 -10.00 -14.86
C TYR A 145 2.19 -11.46 -14.50
N PRO A 146 1.79 -12.26 -15.47
CA PRO A 146 1.28 -13.62 -15.18
C PRO A 146 2.32 -14.58 -14.63
N ASN A 147 3.60 -14.39 -14.94
CA ASN A 147 4.63 -15.30 -14.45
C ASN A 147 5.43 -14.74 -13.29
N LEU A 148 5.26 -13.45 -12.96
CA LEU A 148 6.00 -12.83 -11.90
C LEU A 148 5.32 -13.04 -10.56
N LEU A 149 3.98 -12.90 -10.53
CA LEU A 149 3.22 -12.75 -9.29
C LEU A 149 2.63 -14.08 -8.85
N ILE A 150 2.59 -14.27 -7.52
CA ILE A 150 1.79 -15.32 -6.91
C ILE A 150 0.81 -14.63 -5.96
N SER A 151 -0.49 -14.95 -6.08
CA SER A 151 -1.52 -14.25 -5.30
C SER A 151 -1.72 -14.84 -3.92
N ARG A 152 -1.95 -13.95 -2.95
CA ARG A 152 -2.34 -14.35 -1.62
C ARG A 152 -3.41 -13.39 -1.13
N ARG A 153 -4.32 -13.92 -0.31
CA ARG A 153 -5.46 -13.17 0.17
C ARG A 153 -5.23 -12.65 1.58
N LEU A 154 -5.96 -11.58 1.93
CA LEU A 154 -5.98 -11.05 3.29
C LEU A 154 -7.39 -11.16 3.86
N GLY A 155 -7.99 -12.34 3.78
CA GLY A 155 -9.35 -12.52 4.29
C GLY A 155 -10.40 -12.13 3.26
N ASP A 156 -11.66 -12.31 3.67
CA ASP A 156 -12.76 -12.32 2.71
C ASP A 156 -13.47 -10.98 2.54
N LYS A 157 -12.96 -9.90 3.13
CA LYS A 157 -13.54 -8.57 2.96
C LYS A 157 -12.51 -7.59 2.43
N GLN A 158 -13.00 -6.58 1.70
CA GLN A 158 -12.09 -5.63 1.08
C GLN A 158 -11.47 -4.70 2.11
N MET A 159 -10.17 -4.44 1.95
CA MET A 159 -9.44 -3.46 2.76
C MET A 159 -8.98 -2.30 1.89
N THR A 160 -8.85 -1.11 2.48
CA THR A 160 -8.17 -0.01 1.80
C THR A 160 -6.71 -0.39 1.57
N THR A 161 -6.04 0.34 0.68
CA THR A 161 -4.63 0.03 0.42
C THR A 161 -3.79 0.11 1.70
N ASP A 162 -3.98 1.16 2.51
CA ASP A 162 -3.14 1.25 3.71
C ASP A 162 -3.46 0.15 4.70
N THR A 163 -4.74 -0.25 4.77
CA THR A 163 -5.12 -1.34 5.67
C THR A 163 -4.55 -2.66 5.17
N ALA A 164 -4.56 -2.89 3.86
CA ALA A 164 -3.98 -4.12 3.35
C ALA A 164 -2.49 -4.19 3.65
N ILE A 165 -1.80 -3.07 3.50
CA ILE A 165 -0.37 -3.05 3.80
C ILE A 165 -0.13 -3.21 5.30
N ARG A 166 -0.93 -2.55 6.14
CA ARG A 166 -0.81 -2.69 7.58
C ARG A 166 -1.00 -4.15 7.99
N THR A 167 -1.99 -4.82 7.39
CA THR A 167 -2.25 -6.21 7.70
C THR A 167 -1.10 -7.11 7.24
N THR A 168 -0.60 -6.87 6.02
CA THR A 168 0.54 -7.62 5.52
C THR A 168 1.75 -7.46 6.42
N GLN A 169 2.00 -6.23 6.91
CA GLN A 169 3.12 -6.05 7.84
C GLN A 169 2.91 -6.81 9.14
N LEU A 170 1.69 -6.79 9.70
CA LEU A 170 1.47 -7.58 10.93
C LEU A 170 1.74 -9.06 10.69
N ILE A 171 1.35 -9.59 9.54
CA ILE A 171 1.52 -11.02 9.28
C ILE A 171 2.99 -11.35 9.02
N ILE A 172 3.64 -10.57 8.16
CA ILE A 172 4.98 -10.90 7.66
C ILE A 172 6.08 -10.40 8.59
N LYS A 173 5.98 -9.16 9.05
CA LYS A 173 7.02 -8.60 9.91
C LYS A 173 6.83 -9.01 11.37
N ASP A 174 5.60 -8.95 11.88
CA ASP A 174 5.37 -9.25 13.28
C ASP A 174 4.95 -10.69 13.50
N ARG A 175 4.74 -11.44 12.43
CA ARG A 175 4.43 -12.87 12.48
C ARG A 175 3.15 -13.14 13.26
N ILE A 176 2.16 -12.26 13.10
CA ILE A 176 0.84 -12.46 13.68
C ILE A 176 -0.06 -13.13 12.66
N ALA A 177 -0.65 -14.26 13.03
CA ALA A 177 -1.61 -14.91 12.16
C ALA A 177 -2.82 -14.01 11.93
N PHE A 178 -3.37 -14.10 10.71
CA PHE A 178 -4.54 -13.30 10.34
C PHE A 178 -5.67 -13.42 11.36
N GLU A 179 -5.89 -14.63 11.87
CA GLU A 179 -7.01 -14.85 12.77
C GLU A 179 -6.82 -14.17 14.12
N ASP A 180 -5.59 -13.80 14.47
CA ASP A 180 -5.34 -13.07 15.72
C ASP A 180 -5.45 -11.55 15.57
N ILE A 181 -5.46 -11.02 14.35
CA ILE A 181 -5.56 -9.58 14.18
C ILE A 181 -6.98 -9.14 14.53
N LYS A 182 -7.08 -8.03 15.28
CA LYS A 182 -8.37 -7.50 15.65
C LYS A 182 -8.82 -6.54 14.56
N PHE A 183 -9.90 -6.88 13.87
CA PHE A 183 -10.49 -6.04 12.83
C PHE A 183 -11.87 -5.52 13.26
N ILE A 184 -12.35 -4.51 12.55
CA ILE A 184 -13.77 -4.14 12.57
C ILE A 184 -14.26 -4.12 11.13
N ASP A 185 -15.40 -4.77 10.89
CA ASP A 185 -15.98 -4.89 9.56
C ASP A 185 -17.01 -3.78 9.35
N TYR A 186 -16.81 -2.98 8.32
CA TYR A 186 -17.77 -1.96 7.91
C TYR A 186 -18.13 -1.01 9.06
N PRO A 187 -17.15 -0.28 9.62
CA PRO A 187 -17.44 0.61 10.74
C PRO A 187 -18.32 1.79 10.34
N GLU A 188 -19.12 2.25 11.29
CA GLU A 188 -19.83 3.51 11.18
C GLU A 188 -19.08 4.59 11.94
N PHE A 189 -18.96 5.75 11.32
CA PHE A 189 -18.37 6.93 11.93
C PHE A 189 -19.48 7.94 12.15
N ARG A 190 -19.91 8.08 13.40
CA ARG A 190 -20.99 8.99 13.74
C ARG A 190 -20.38 10.17 14.47
N PHE A 191 -20.87 11.36 14.13
CA PHE A 191 -20.41 12.59 14.75
C PHE A 191 -21.49 13.30 15.52
N ASN A 192 -22.72 13.24 15.05
CA ASN A 192 -23.86 13.80 15.74
C ASN A 192 -25.12 13.18 15.13
N LYS A 193 -26.28 13.64 15.63
CA LYS A 193 -27.56 13.13 15.19
C LYS A 193 -27.78 13.34 13.70
N ASN A 194 -27.03 14.26 13.08
CA ASN A 194 -27.23 14.59 11.67
C ASN A 194 -26.15 14.04 10.75
N GLU A 195 -25.04 13.53 11.29
CA GLU A 195 -23.85 13.23 10.49
C GLU A 195 -23.29 11.87 10.90
N ALA A 196 -23.37 10.90 9.98
CA ALA A 196 -22.71 9.62 10.21
C ALA A 196 -22.54 8.91 8.88
N THR A 197 -21.44 8.17 8.75
CA THR A 197 -21.09 7.54 7.49
C THR A 197 -20.50 6.16 7.76
N GLU A 198 -21.00 5.15 7.05
CA GLU A 198 -20.40 3.81 7.08
C GLU A 198 -19.31 3.72 6.02
N MET A 199 -18.18 3.10 6.38
CA MET A 199 -17.15 2.82 5.38
C MET A 199 -17.16 1.33 5.12
N PRO A 200 -17.49 0.88 3.90
CA PRO A 200 -17.67 -0.55 3.62
C PRO A 200 -16.37 -1.30 3.36
N PHE A 201 -15.43 -1.20 4.30
CA PHE A 201 -14.19 -1.94 4.24
C PHE A 201 -13.94 -2.55 5.61
N ARG A 202 -13.02 -3.50 5.64
CA ARG A 202 -12.53 -4.08 6.89
C ARG A 202 -11.31 -3.30 7.33
N TYR A 203 -11.29 -2.87 8.59
CA TYR A 203 -10.18 -2.05 9.12
C TYR A 203 -9.50 -2.76 10.29
N VAL A 204 -8.20 -2.52 10.50
CA VAL A 204 -7.62 -3.09 11.71
C VAL A 204 -7.81 -2.12 12.85
N LEU A 205 -8.07 -2.67 14.03
CA LEU A 205 -8.33 -1.91 15.23
C LEU A 205 -7.02 -1.58 15.95
N ASP A 206 -6.95 -0.40 16.55
CA ASP A 206 -5.84 -0.07 17.42
C ASP A 206 -6.15 -0.57 18.83
N LYS A 207 -5.22 -0.36 19.76
CA LYS A 207 -5.41 -0.95 21.09
C LYS A 207 -6.55 -0.31 21.85
N GLU A 208 -7.04 0.85 21.43
CA GLU A 208 -8.23 1.45 22.01
C GLU A 208 -9.51 0.96 21.34
N GLY A 209 -9.42 0.02 20.42
CA GLY A 209 -10.62 -0.50 19.79
C GLY A 209 -11.19 0.39 18.73
N LYS A 210 -10.39 1.30 18.19
CA LYS A 210 -10.87 2.19 17.14
C LYS A 210 -10.26 1.78 15.81
N PRO A 211 -11.00 1.91 14.71
CA PRO A 211 -10.39 1.59 13.41
C PRO A 211 -9.23 2.51 13.10
N ILE A 212 -8.17 1.96 12.54
CA ILE A 212 -6.99 2.74 12.18
C ILE A 212 -7.22 3.34 10.80
N LEU A 213 -7.22 4.66 10.73
CA LEU A 213 -7.34 5.44 9.51
C LEU A 213 -6.10 6.31 9.31
N PRO A 214 -5.77 6.66 8.08
CA PRO A 214 -4.71 7.66 7.87
C PRO A 214 -5.00 8.93 8.64
N GLU A 215 -3.95 9.54 9.18
CA GLU A 215 -4.09 10.88 9.75
C GLU A 215 -4.79 11.80 8.76
N GLY A 216 -5.77 12.54 9.25
CA GLY A 216 -6.54 13.45 8.44
C GLY A 216 -7.81 12.85 7.87
N MET A 217 -7.90 11.52 7.79
CA MET A 217 -9.01 10.90 7.08
C MET A 217 -10.32 11.10 7.82
N LEU A 218 -10.29 11.05 9.16
CA LEU A 218 -11.52 11.26 9.90
C LEU A 218 -12.04 12.67 9.67
N ASP A 219 -11.14 13.65 9.56
CA ASP A 219 -11.53 15.02 9.22
C ASP A 219 -12.20 15.06 7.85
N LEU A 220 -11.64 14.35 6.87
CA LEU A 220 -12.22 14.34 5.54
C LEU A 220 -13.62 13.72 5.56
N ILE A 221 -13.81 12.63 6.33
CA ILE A 221 -15.13 12.02 6.44
C ILE A 221 -16.10 12.97 7.13
N LYS A 222 -15.61 13.72 8.13
CA LYS A 222 -16.47 14.68 8.82
C LYS A 222 -16.86 15.83 7.90
N LYS A 223 -15.90 16.37 7.14
CA LYS A 223 -16.21 17.42 6.18
C LYS A 223 -17.23 16.93 5.16
N ASP A 224 -17.12 15.68 4.71
CA ASP A 224 -18.11 15.17 3.76
C ASP A 224 -19.48 15.08 4.41
N SER A 225 -19.57 14.55 5.64
CA SER A 225 -20.88 14.44 6.28
C SER A 225 -21.49 15.81 6.55
N ALA A 226 -20.67 16.82 6.73
CA ALA A 226 -21.18 18.17 6.96
C ALA A 226 -21.75 18.87 5.70
N GLN A 227 -21.50 18.29 4.55
CA GLN A 227 -22.05 18.75 3.29
C GLN A 227 -23.33 17.96 3.12
#